data_7F2N
#
_entry.id   7F2N
#
_cell.length_a   108.388
_cell.length_b   57.007
_cell.length_c   93.800
_cell.angle_alpha   90.000
_cell.angle_beta   103.720
_cell.angle_gamma   90.000
#
_symmetry.space_group_name_H-M   'C 1 2 1'
#
loop_
_entity.id
_entity.type
_entity.pdbx_description
1 polymer 'Single-stranded DNA-binding protein'
2 water water
#
_entity_poly.entity_id   1
_entity_poly.type   'polypeptide(L)'
_entity_poly.pdbx_seq_one_letter_code
;MASRGVNKVILVGNLGQDPEVRYMPSGGAVANFTLATSESWRDKQTGEMKEQTEWHRVVLFGKLAEVAGEYLRKGSQVYI
EGQLRTRKWTDQSGQDKYTTEVVVNVGGTMQMLGGRQGGGAPAGGGQQQGGWGQPQQPQGGNQFSGGAQSRPQQQAPAAP
SNEPPMDFDDDIPFHHHHHH
;
_entity_poly.pdbx_strand_id   A,B,C,D
#
# COMPACT_ATOMS: atom_id res chain seq x y z
N SER A 3 -8.85 9.47 9.07
CA SER A 3 -9.78 9.00 10.09
C SER A 3 -11.10 8.49 9.49
N ARG A 4 -11.48 8.99 8.32
CA ARG A 4 -12.65 8.48 7.60
C ARG A 4 -12.22 8.07 6.20
N GLY A 5 -12.18 6.78 5.94
CA GLY A 5 -11.63 6.31 4.68
C GLY A 5 -10.13 6.21 4.77
N VAL A 6 -9.50 5.85 3.66
CA VAL A 6 -8.06 5.64 3.63
C VAL A 6 -7.49 6.43 2.47
N ASN A 7 -6.39 7.16 2.73
CA ASN A 7 -5.76 8.04 1.75
C ASN A 7 -4.25 7.78 1.82
N LYS A 8 -3.74 6.87 1.00
CA LYS A 8 -2.36 6.41 1.12
C LYS A 8 -1.65 6.38 -0.21
N VAL A 9 -0.47 6.97 -0.25
CA VAL A 9 0.38 6.94 -1.44
C VAL A 9 1.69 6.26 -1.06
N ILE A 10 2.17 5.37 -1.93
CA ILE A 10 3.46 4.74 -1.73
C ILE A 10 4.29 4.98 -2.98
N LEU A 11 5.46 5.57 -2.80
CA LEU A 11 6.34 5.89 -3.92
C LEU A 11 7.74 5.36 -3.65
N VAL A 12 8.36 4.88 -4.73
CA VAL A 12 9.78 4.65 -4.81
C VAL A 12 10.24 5.34 -6.09
N GLY A 13 11.20 6.24 -5.97
CA GLY A 13 11.67 6.93 -7.17
C GLY A 13 12.86 7.81 -6.84
N ASN A 14 13.21 8.66 -7.80
CA ASN A 14 14.42 9.48 -7.72
C ASN A 14 14.12 10.96 -7.73
N LEU A 15 14.79 11.69 -6.84
CA LEU A 15 14.59 13.13 -6.75
C LEU A 15 14.97 13.81 -8.06
N GLY A 16 14.10 14.69 -8.54
CA GLY A 16 14.36 15.47 -9.74
C GLY A 16 15.14 16.74 -9.48
N GLN A 17 15.39 17.06 -8.22
CA GLN A 17 16.14 18.25 -7.83
C GLN A 17 16.61 18.06 -6.39
N ASP A 18 17.51 18.94 -5.95
CA ASP A 18 17.86 18.96 -4.54
C ASP A 18 16.64 19.43 -3.75
N PRO A 19 16.43 18.91 -2.55
CA PRO A 19 15.28 19.37 -1.75
C PRO A 19 15.42 20.83 -1.32
N GLU A 20 14.34 21.61 -1.48
CA GLU A 20 14.21 22.95 -0.91
C GLU A 20 13.61 22.85 0.49
N VAL A 21 14.33 23.39 1.47
CA VAL A 21 13.91 23.32 2.89
C VAL A 21 13.74 24.73 3.46
N ARG A 22 12.50 25.17 3.59
CA ARG A 22 12.25 26.50 4.20
C ARG A 22 11.76 26.29 5.63
N TYR A 23 11.97 27.28 6.48
CA TYR A 23 11.46 27.11 7.86
C TYR A 23 10.23 27.98 8.01
N MET A 24 9.16 27.44 8.58
CA MET A 24 7.95 28.21 8.70
C MET A 24 8.09 29.19 9.86
N PRO A 25 7.28 30.27 9.88
CA PRO A 25 7.38 31.20 11.02
C PRO A 25 7.10 30.52 12.35
N SER A 26 6.22 29.52 12.36
CA SER A 26 6.04 28.69 13.56
C SER A 26 7.37 28.09 14.02
N GLY A 27 8.27 27.82 13.09
CA GLY A 27 9.56 27.22 13.36
C GLY A 27 9.74 25.84 12.77
N GLY A 28 8.65 25.17 12.40
CA GLY A 28 8.75 23.86 11.77
C GLY A 28 9.27 23.96 10.34
N ALA A 29 10.12 23.00 9.99
CA ALA A 29 10.66 22.92 8.63
C ALA A 29 9.66 22.28 7.67
N VAL A 30 9.73 22.69 6.42
CA VAL A 30 8.94 22.13 5.32
C VAL A 30 9.86 21.92 4.13
N ALA A 31 9.87 20.71 3.60
CA ALA A 31 10.68 20.38 2.44
C ALA A 31 9.80 19.98 1.27
N ASN A 32 10.23 20.32 0.07
CA ASN A 32 9.56 19.83 -1.12
C ASN A 32 10.60 19.47 -2.16
N PHE A 33 10.25 18.48 -2.97
CA PHE A 33 11.04 18.04 -4.10
C PHE A 33 10.11 17.25 -4.99
N THR A 34 10.56 17.03 -6.23
CA THR A 34 9.82 16.21 -7.17
C THR A 34 10.47 14.84 -7.28
N LEU A 35 9.64 13.84 -7.52
CA LEU A 35 10.05 12.44 -7.55
C LEU A 35 9.61 11.84 -8.87
N ALA A 36 10.52 11.18 -9.56
CA ALA A 36 10.22 10.55 -10.83
C ALA A 36 9.98 9.07 -10.58
N THR A 37 8.87 8.55 -11.11
CA THR A 37 8.67 7.11 -11.21
C THR A 37 8.41 6.83 -12.68
N SER A 38 8.92 5.70 -13.17
CA SER A 38 8.70 5.37 -14.57
C SER A 38 8.36 3.90 -14.69
N GLU A 39 7.54 3.58 -15.66
CA GLU A 39 7.31 2.19 -16.00
C GLU A 39 7.50 1.91 -17.48
N SER A 40 7.99 0.70 -17.75
CA SER A 40 8.30 0.24 -19.12
C SER A 40 7.46 -0.98 -19.46
N TRP A 41 6.86 -0.97 -20.64
CA TRP A 41 6.04 -2.13 -21.06
C TRP A 41 6.09 -2.23 -22.58
N ARG A 42 5.72 -3.40 -23.11
CA ARG A 42 5.70 -3.64 -24.57
C ARG A 42 4.24 -3.59 -24.99
N ASP A 43 3.88 -2.72 -25.91
CA ASP A 43 2.47 -2.64 -26.35
C ASP A 43 2.04 -4.02 -26.87
N LYS A 44 1.08 -4.64 -26.20
CA LYS A 44 0.63 -6.00 -26.58
C LYS A 44 -0.02 -5.98 -27.96
N GLN A 45 -0.62 -4.87 -28.35
CA GLN A 45 -1.20 -4.83 -29.69
C GLN A 45 -0.11 -4.57 -30.74
N THR A 46 0.76 -3.58 -30.50
CA THR A 46 1.71 -3.11 -31.51
C THR A 46 3.09 -3.74 -31.39
N GLY A 47 3.47 -4.26 -30.21
CA GLY A 47 4.79 -4.80 -30.00
C GLY A 47 5.84 -3.76 -29.65
N GLU A 48 5.53 -2.48 -29.80
CA GLU A 48 6.48 -1.42 -29.50
C GLU A 48 6.84 -1.39 -28.01
N MET A 49 8.07 -1.02 -27.73
CA MET A 49 8.50 -0.75 -26.36
C MET A 49 8.07 0.66 -25.95
N LYS A 50 7.47 0.79 -24.77
CA LYS A 50 6.95 2.07 -24.31
C LYS A 50 7.49 2.40 -22.93
N GLU A 51 7.73 3.69 -22.71
CA GLU A 51 8.25 4.20 -21.45
C GLU A 51 7.45 5.46 -21.10
N GLN A 52 7.04 5.56 -19.84
CA GLN A 52 6.31 6.73 -19.35
C GLN A 52 6.84 7.11 -17.97
N THR A 53 7.24 8.36 -17.81
CA THR A 53 7.73 8.85 -16.54
C THR A 53 6.65 9.71 -15.89
N GLU A 54 6.45 9.55 -14.60
CA GLU A 54 5.52 10.37 -13.84
C GLU A 54 6.32 11.15 -12.80
N TRP A 55 6.03 12.44 -12.70
CA TRP A 55 6.70 13.34 -11.76
C TRP A 55 5.74 13.70 -10.64
N HIS A 56 6.14 13.42 -9.41
CA HIS A 56 5.30 13.59 -8.22
C HIS A 56 5.84 14.74 -7.39
N ARG A 57 4.93 15.53 -6.84
CA ARG A 57 5.28 16.64 -5.94
C ARG A 57 5.19 16.13 -4.51
N VAL A 58 6.31 16.07 -3.81
CA VAL A 58 6.36 15.58 -2.44
C VAL A 58 6.60 16.75 -1.49
N VAL A 59 5.93 16.73 -0.33
CA VAL A 59 6.10 17.73 0.72
C VAL A 59 6.31 17.00 2.04
N LEU A 60 7.36 17.40 2.76
CA LEU A 60 7.70 16.81 4.05
C LEU A 60 7.66 17.88 5.14
N PHE A 61 7.34 17.46 6.36
CA PHE A 61 7.24 18.34 7.50
C PHE A 61 8.13 17.82 8.63
N GLY A 62 8.64 18.75 9.46
CA GLY A 62 9.35 18.34 10.67
C GLY A 62 10.68 17.66 10.41
N LYS A 63 10.97 16.60 11.18
CA LYS A 63 12.27 15.92 11.05
C LYS A 63 12.56 15.40 9.65
N LEU A 64 11.60 14.73 9.02
CA LEU A 64 11.84 14.24 7.67
C LEU A 64 12.24 15.36 6.74
N ALA A 65 11.59 16.52 6.85
CA ALA A 65 12.00 17.67 6.04
C ALA A 65 13.46 18.01 6.28
N GLU A 66 13.87 18.05 7.56
CA GLU A 66 15.26 18.34 7.87
C GLU A 66 16.18 17.22 7.39
N VAL A 67 15.79 15.95 7.61
CA VAL A 67 16.59 14.83 7.12
C VAL A 67 16.76 14.93 5.61
N ALA A 68 15.68 15.26 4.90
CA ALA A 68 15.76 15.41 3.46
C ALA A 68 16.77 16.47 3.07
N GLY A 69 16.78 17.60 3.78
CA GLY A 69 17.71 18.67 3.44
C GLY A 69 19.16 18.28 3.68
N GLU A 70 19.43 17.55 4.76
CA GLU A 70 20.78 17.08 5.06
C GLU A 70 21.27 16.07 4.00
N TYR A 71 20.49 15.01 3.75
CA TYR A 71 21.03 13.82 3.10
C TYR A 71 20.57 13.58 1.67
N LEU A 72 19.47 14.18 1.22
CA LEU A 72 18.90 13.91 -0.09
C LEU A 72 19.38 14.92 -1.11
N ARG A 73 19.55 14.47 -2.33
CA ARG A 73 19.97 15.37 -3.44
C ARG A 73 19.33 14.87 -4.72
N LYS A 74 19.52 15.60 -5.81
CA LYS A 74 19.02 15.20 -7.11
C LYS A 74 19.48 13.79 -7.45
N GLY A 75 18.55 12.95 -7.89
CA GLY A 75 18.86 11.58 -8.26
C GLY A 75 18.81 10.57 -7.13
N SER A 76 18.74 11.02 -5.87
CA SER A 76 18.61 10.10 -4.74
C SER A 76 17.35 9.25 -4.85
N GLN A 77 17.48 7.98 -4.51
CA GLN A 77 16.36 7.04 -4.50
C GLN A 77 15.74 6.99 -3.11
N VAL A 78 14.44 7.25 -3.01
CA VAL A 78 13.78 7.25 -1.72
C VAL A 78 12.54 6.39 -1.79
N TYR A 79 12.10 5.96 -0.62
CA TYR A 79 10.79 5.36 -0.41
C TYR A 79 9.93 6.40 0.30
N ILE A 80 8.71 6.62 -0.20
CA ILE A 80 7.80 7.61 0.38
C ILE A 80 6.49 6.92 0.73
N GLU A 81 5.99 7.19 1.93
CA GLU A 81 4.62 6.84 2.28
C GLU A 81 3.90 8.09 2.79
N GLY A 82 2.83 8.48 2.12
CA GLY A 82 2.12 9.68 2.49
C GLY A 82 0.68 9.65 2.03
N GLN A 83 0.11 10.83 1.83
CA GLN A 83 -1.27 10.94 1.41
C GLN A 83 -1.41 12.04 0.36
N LEU A 84 -2.49 11.96 -0.43
CA LEU A 84 -2.75 12.94 -1.47
C LEU A 84 -3.42 14.19 -0.91
N ARG A 85 -2.96 15.35 -1.36
CA ARG A 85 -3.63 16.60 -1.06
C ARG A 85 -3.68 17.47 -2.31
N THR A 86 -4.88 17.91 -2.65
CA THR A 86 -5.05 18.87 -3.73
C THR A 86 -5.34 20.23 -3.10
N ARG A 87 -4.50 21.22 -3.41
CA ARG A 87 -4.72 22.55 -2.87
C ARG A 87 -4.93 23.55 -4.00
N LYS A 88 -5.79 24.52 -3.70
CA LYS A 88 -6.22 25.55 -4.62
C LYS A 88 -5.39 26.81 -4.39
N TRP A 89 -5.01 27.48 -5.47
CA TRP A 89 -4.41 28.80 -5.37
C TRP A 89 -4.77 29.65 -6.58
N THR A 90 -4.96 30.94 -6.37
CA THR A 90 -5.18 31.86 -7.47
C THR A 90 -3.82 32.41 -7.81
N ASP A 91 -3.48 32.47 -9.08
CA ASP A 91 -2.14 32.92 -9.38
C ASP A 91 -2.16 34.43 -9.63
N GLN A 92 -0.98 35.03 -9.71
CA GLN A 92 -0.90 36.48 -9.79
C GLN A 92 -1.61 37.01 -11.04
N SER A 93 -1.80 36.17 -12.04
CA SER A 93 -2.67 36.50 -13.16
C SER A 93 -4.16 36.39 -12.83
N GLY A 94 -4.53 35.92 -11.64
CA GLY A 94 -5.94 35.74 -11.34
C GLY A 94 -6.54 34.38 -11.66
N GLN A 95 -5.75 33.41 -12.14
CA GLN A 95 -6.28 32.09 -12.50
C GLN A 95 -6.30 31.18 -11.28
N ASP A 96 -7.48 30.67 -10.94
CA ASP A 96 -7.59 29.55 -10.00
C ASP A 96 -6.77 28.36 -10.48
N LYS A 97 -5.84 27.89 -9.66
CA LYS A 97 -5.02 26.76 -10.02
C LYS A 97 -5.08 25.69 -8.93
N TYR A 98 -4.85 24.44 -9.34
CA TYR A 98 -4.87 23.30 -8.43
C TYR A 98 -3.57 22.51 -8.54
N THR A 99 -3.05 22.09 -7.39
CA THR A 99 -1.86 21.27 -7.32
C THR A 99 -2.12 20.07 -6.41
N THR A 100 -1.85 18.88 -6.92
CA THR A 100 -1.94 17.67 -6.13
C THR A 100 -0.55 17.28 -5.70
N GLU A 101 -0.35 17.19 -4.39
CA GLU A 101 0.93 16.82 -3.81
C GLU A 101 0.79 15.57 -2.95
N VAL A 102 1.92 14.90 -2.78
CA VAL A 102 2.06 13.78 -1.86
C VAL A 102 2.63 14.36 -0.58
N VAL A 103 1.84 14.35 0.49
CA VAL A 103 2.20 15.02 1.73
C VAL A 103 2.54 13.94 2.75
N VAL A 104 3.70 14.09 3.38
CA VAL A 104 4.14 13.14 4.39
C VAL A 104 3.97 13.79 5.76
N ASN A 105 2.88 13.48 6.47
CA ASN A 105 2.76 14.01 7.83
C ASN A 105 3.09 12.91 8.81
N VAL A 106 2.77 13.17 10.09
CA VAL A 106 2.73 12.11 11.07
C VAL A 106 1.93 10.95 10.50
N GLY A 107 2.42 9.73 10.73
CA GLY A 107 1.86 8.54 10.11
C GLY A 107 2.40 8.22 8.74
N GLY A 108 3.24 9.09 8.17
CA GLY A 108 3.95 8.81 6.94
C GLY A 108 5.43 8.58 7.22
N THR A 109 6.14 8.16 6.18
CA THR A 109 7.58 8.02 6.31
C THR A 109 8.27 8.39 5.02
N MET A 110 9.57 8.62 5.16
CA MET A 110 10.49 8.84 4.07
C MET A 110 11.71 7.99 4.38
N GLN A 111 12.11 7.16 3.44
CA GLN A 111 13.26 6.30 3.66
C GLN A 111 14.23 6.38 2.49
N MET A 112 15.49 6.67 2.82
CA MET A 112 16.56 6.71 1.81
C MET A 112 16.92 5.26 1.48
N LEU A 113 17.01 4.96 0.20
CA LEU A 113 17.32 3.61 -0.28
C LEU A 113 18.74 3.50 -0.85
N GLY A 114 19.23 2.28 -0.92
CA GLY A 114 20.55 2.03 -1.47
C GLY A 114 21.51 1.34 -0.51
N SER B 3 9.69 -2.50 -13.03
CA SER B 3 9.95 -1.24 -13.74
C SER B 3 10.96 -0.38 -12.98
N ARG B 4 10.84 0.95 -13.08
CA ARG B 4 11.75 1.87 -12.41
C ARG B 4 10.94 2.68 -11.41
N GLY B 5 11.03 2.31 -10.15
CA GLY B 5 10.25 2.92 -9.10
C GLY B 5 8.85 2.32 -8.95
N VAL B 6 8.16 2.82 -7.92
CA VAL B 6 6.85 2.33 -7.52
C VAL B 6 5.94 3.53 -7.44
N ASN B 7 4.74 3.39 -8.00
CA ASN B 7 3.74 4.47 -8.06
C ASN B 7 2.40 3.84 -7.66
N LYS B 8 2.04 3.95 -6.38
CA LYS B 8 0.90 3.19 -5.87
C LYS B 8 0.03 4.06 -4.99
N VAL B 9 -1.26 4.05 -5.26
CA VAL B 9 -2.25 4.76 -4.47
C VAL B 9 -3.25 3.74 -3.97
N ILE B 10 -3.58 3.85 -2.69
CA ILE B 10 -4.60 2.99 -2.10
C ILE B 10 -5.62 3.90 -1.48
N LEU B 11 -6.89 3.72 -1.87
CA LEU B 11 -7.98 4.55 -1.37
C LEU B 11 -9.12 3.68 -0.87
N VAL B 12 -9.72 4.13 0.23
CA VAL B 12 -11.01 3.67 0.70
C VAL B 12 -11.82 4.92 0.97
N GLY B 13 -12.99 5.04 0.36
CA GLY B 13 -13.84 6.20 0.58
C GLY B 13 -15.12 6.07 -0.21
N ASN B 14 -15.86 7.18 -0.31
CA ASN B 14 -17.19 7.19 -0.89
C ASN B 14 -17.28 8.08 -2.12
N LEU B 15 -17.98 7.56 -3.13
CA LEU B 15 -18.15 8.28 -4.38
C LEU B 15 -18.88 9.61 -4.17
N GLY B 16 -18.40 10.67 -4.81
CA GLY B 16 -19.02 11.98 -4.67
C GLY B 16 -20.22 12.09 -5.58
N GLN B 17 -20.22 11.33 -6.65
CA GLN B 17 -21.34 11.32 -7.62
C GLN B 17 -21.46 9.93 -8.23
N ASP B 18 -22.41 9.81 -9.15
CA ASP B 18 -22.62 8.53 -9.86
C ASP B 18 -21.48 8.39 -10.85
N PRO B 19 -20.97 7.18 -11.10
CA PRO B 19 -19.92 7.00 -12.05
C PRO B 19 -20.34 7.48 -13.45
N GLU B 20 -19.48 8.24 -14.10
CA GLU B 20 -19.68 8.69 -15.49
C GLU B 20 -18.93 7.71 -16.36
N VAL B 21 -19.62 7.01 -17.25
CA VAL B 21 -18.99 5.99 -18.07
C VAL B 21 -19.07 6.45 -19.52
N ARG B 22 -17.93 6.57 -20.17
CA ARG B 22 -18.03 6.97 -21.57
C ARG B 22 -17.22 5.99 -22.41
N TYR B 23 -17.56 5.89 -23.69
CA TYR B 23 -16.79 5.06 -24.59
C TYR B 23 -15.83 5.88 -25.43
N MET B 24 -14.58 5.43 -25.48
CA MET B 24 -13.53 6.08 -26.28
C MET B 24 -13.71 5.74 -27.76
N PRO B 25 -13.17 6.55 -28.68
CA PRO B 25 -13.22 6.17 -30.10
C PRO B 25 -12.79 4.74 -30.30
N SER B 26 -11.67 4.35 -29.68
CA SER B 26 -11.23 2.97 -29.68
C SER B 26 -12.31 1.97 -29.27
N GLY B 27 -13.35 2.40 -28.53
CA GLY B 27 -14.34 1.50 -28.00
C GLY B 27 -14.14 1.09 -26.56
N GLY B 28 -12.96 1.36 -25.99
CA GLY B 28 -12.72 1.02 -24.60
C GLY B 28 -13.52 1.88 -23.65
N ALA B 29 -14.07 1.25 -22.61
CA ALA B 29 -14.83 1.99 -21.62
C ALA B 29 -13.92 2.75 -20.67
N VAL B 30 -14.40 3.89 -20.21
CA VAL B 30 -13.73 4.71 -19.20
C VAL B 30 -14.77 5.19 -18.21
N ALA B 31 -14.49 5.00 -16.93
CA ALA B 31 -15.36 5.53 -15.87
C ALA B 31 -14.61 6.61 -15.12
N ASN B 32 -15.34 7.63 -14.69
CA ASN B 32 -14.80 8.72 -13.91
C ASN B 32 -15.72 8.95 -12.72
N PHE B 33 -15.13 9.23 -11.57
CA PHE B 33 -15.90 9.65 -10.40
C PHE B 33 -14.91 10.19 -9.38
N THR B 34 -15.43 10.89 -8.39
CA THR B 34 -14.64 11.41 -7.30
C THR B 34 -14.89 10.57 -6.05
N LEU B 35 -13.89 10.49 -5.21
CA LEU B 35 -13.94 9.68 -4.01
C LEU B 35 -13.51 10.54 -2.84
N ALA B 36 -14.28 10.54 -1.75
CA ALA B 36 -14.00 11.37 -0.59
C ALA B 36 -13.32 10.56 0.50
N THR B 37 -12.30 11.17 1.10
CA THR B 37 -11.53 10.68 2.27
C THR B 37 -11.44 11.82 3.28
N SER B 38 -11.48 11.54 4.58
CA SER B 38 -11.39 12.67 5.54
C SER B 38 -10.56 12.37 6.77
N GLU B 39 -9.93 13.41 7.29
CA GLU B 39 -9.12 13.39 8.53
C GLU B 39 -9.86 14.29 9.52
N SER B 40 -10.00 13.86 10.77
CA SER B 40 -10.66 14.71 11.80
C SER B 40 -9.60 15.09 12.82
N LYS B 50 -11.83 19.62 14.28
CA LYS B 50 -11.33 19.98 12.91
C LYS B 50 -11.45 18.76 11.99
N GLU B 51 -12.13 18.93 10.86
CA GLU B 51 -12.31 17.86 9.83
C GLU B 51 -12.02 18.45 8.45
N GLN B 52 -11.34 17.69 7.60
CA GLN B 52 -11.04 18.21 6.25
C GLN B 52 -11.24 17.08 5.24
N THR B 53 -11.89 17.38 4.13
CA THR B 53 -12.15 16.34 3.11
C THR B 53 -11.22 16.46 1.90
N GLU B 54 -10.68 15.34 1.49
CA GLU B 54 -9.88 15.28 0.25
C GLU B 54 -10.75 14.61 -0.81
N TRP B 55 -10.79 15.22 -1.99
CA TRP B 55 -11.54 14.67 -3.11
C TRP B 55 -10.54 14.13 -4.12
N HIS B 56 -10.65 12.83 -4.43
CA HIS B 56 -9.72 12.19 -5.35
C HIS B 56 -10.45 11.93 -6.66
N ARG B 57 -9.76 12.22 -7.76
CA ARG B 57 -10.30 11.96 -9.11
C ARG B 57 -9.88 10.56 -9.52
N VAL B 58 -10.83 9.64 -9.60
CA VAL B 58 -10.55 8.26 -9.95
C VAL B 58 -10.94 8.03 -11.40
N VAL B 59 -10.12 7.28 -12.12
CA VAL B 59 -10.39 6.90 -13.50
C VAL B 59 -10.21 5.39 -13.63
N LEU B 60 -11.21 4.71 -14.20
CA LEU B 60 -11.15 3.28 -14.45
C LEU B 60 -11.35 3.03 -15.94
N PHE B 61 -10.79 1.91 -16.41
CA PHE B 61 -10.81 1.51 -17.80
C PHE B 61 -11.41 0.13 -17.98
N GLY B 62 -11.96 -0.11 -19.17
CA GLY B 62 -12.50 -1.40 -19.60
C GLY B 62 -13.54 -2.03 -18.72
N LYS B 63 -13.36 -3.30 -18.39
CA LYS B 63 -14.38 -4.05 -17.63
C LYS B 63 -14.66 -3.42 -16.28
N LEU B 64 -13.63 -3.00 -15.57
CA LEU B 64 -13.86 -2.37 -14.26
C LEU B 64 -14.71 -1.11 -14.43
N ALA B 65 -14.49 -0.32 -15.47
CA ALA B 65 -15.32 0.88 -15.69
C ALA B 65 -16.79 0.52 -15.89
N GLU B 66 -17.06 -0.50 -16.71
CA GLU B 66 -18.44 -0.93 -16.91
C GLU B 66 -19.04 -1.44 -15.60
N VAL B 67 -18.25 -2.19 -14.82
CA VAL B 67 -18.70 -2.63 -13.51
C VAL B 67 -19.07 -1.43 -12.64
N ALA B 68 -18.21 -0.41 -12.63
CA ALA B 68 -18.51 0.79 -11.87
C ALA B 68 -19.82 1.44 -12.32
N GLY B 69 -20.05 1.50 -13.63
CA GLY B 69 -21.28 2.11 -14.13
C GLY B 69 -22.51 1.32 -13.75
N GLU B 70 -22.41 -0.01 -13.80
CA GLU B 70 -23.54 -0.87 -13.41
C GLU B 70 -23.89 -0.68 -11.95
N TYR B 71 -22.91 -0.85 -11.06
CA TYR B 71 -23.19 -1.14 -9.66
C TYR B 71 -22.87 -0.01 -8.69
N LEU B 72 -22.09 1.00 -9.07
CA LEU B 72 -21.69 2.05 -8.14
C LEU B 72 -22.62 3.27 -8.24
N ARG B 73 -22.83 3.92 -7.10
CA ARG B 73 -23.66 5.12 -7.02
C ARG B 73 -22.98 6.13 -6.12
N LYS B 74 -23.48 7.36 -6.17
CA LYS B 74 -23.06 8.36 -5.22
C LYS B 74 -23.20 7.78 -3.81
N GLY B 75 -22.17 7.95 -2.99
CA GLY B 75 -22.15 7.43 -1.64
C GLY B 75 -21.62 6.01 -1.48
N SER B 76 -21.46 5.26 -2.57
CA SER B 76 -20.90 3.91 -2.48
C SER B 76 -19.52 3.92 -1.83
N GLN B 77 -19.27 2.94 -0.95
CA GLN B 77 -17.95 2.79 -0.36
C GLN B 77 -17.18 1.81 -1.24
N VAL B 78 -16.01 2.23 -1.73
CA VAL B 78 -15.19 1.37 -2.56
C VAL B 78 -13.76 1.39 -2.02
N TYR B 79 -13.02 0.37 -2.42
CA TYR B 79 -11.57 0.30 -2.25
C TYR B 79 -10.95 0.47 -3.63
N ILE B 80 -9.94 1.33 -3.75
CA ILE B 80 -9.28 1.61 -5.01
C ILE B 80 -7.81 1.35 -4.83
N GLU B 81 -7.20 0.67 -5.79
CA GLU B 81 -5.76 0.54 -5.88
C GLU B 81 -5.34 0.96 -7.28
N GLY B 82 -4.53 2.01 -7.36
CA GLY B 82 -4.18 2.55 -8.66
C GLY B 82 -2.87 3.29 -8.60
N GLN B 83 -2.66 4.18 -9.57
CA GLN B 83 -1.44 4.97 -9.63
C GLN B 83 -1.75 6.42 -9.99
N LEU B 84 -0.81 7.28 -9.62
CA LEU B 84 -0.97 8.70 -9.89
C LEU B 84 -0.57 9.02 -11.33
N ARG B 85 -1.43 9.79 -12.02
CA ARG B 85 -1.12 10.32 -13.33
C ARG B 85 -1.55 11.78 -13.42
N THR B 86 -0.62 12.65 -13.78
CA THR B 86 -0.92 14.05 -14.06
C THR B 86 -0.95 14.20 -15.56
N ARG B 87 -2.09 14.66 -16.09
CA ARG B 87 -2.23 14.88 -17.52
C ARG B 87 -2.47 16.35 -17.78
N LYS B 88 -1.94 16.82 -18.90
CA LYS B 88 -2.00 18.23 -19.33
C LYS B 88 -3.07 18.42 -20.38
N TRP B 89 -3.95 19.40 -20.18
CA TRP B 89 -4.98 19.78 -21.15
C TRP B 89 -5.15 21.30 -21.16
N THR B 90 -5.44 21.86 -22.33
CA THR B 90 -5.58 23.33 -22.48
C THR B 90 -7.05 23.75 -22.47
N ASP B 91 -7.33 24.92 -21.89
CA ASP B 91 -8.71 25.47 -21.79
C ASP B 91 -9.04 26.36 -23.00
N GLN B 92 -10.25 26.93 -22.97
CA GLN B 92 -10.81 27.80 -24.04
C GLN B 92 -9.96 29.06 -24.21
N GLY B 94 -6.50 30.43 -23.84
CA GLY B 94 -5.94 29.07 -24.01
C GLY B 94 -4.85 28.74 -23.01
N GLN B 95 -5.20 28.59 -21.73
CA GLN B 95 -4.19 28.32 -20.67
C GLN B 95 -3.91 26.81 -20.52
N ASP B 96 -2.68 26.48 -20.13
CA ASP B 96 -2.28 25.08 -19.87
C ASP B 96 -2.80 24.67 -18.48
N LYS B 97 -3.58 23.60 -18.40
CA LYS B 97 -4.12 23.10 -17.16
C LYS B 97 -3.64 21.66 -16.93
N TYR B 98 -3.50 21.28 -15.66
CA TYR B 98 -3.04 19.97 -15.23
C TYR B 98 -4.01 19.36 -14.23
N THR B 99 -4.28 18.07 -14.38
CA THR B 99 -5.10 17.35 -13.42
C THR B 99 -4.37 16.09 -13.00
N THR B 100 -4.24 15.89 -11.70
CA THR B 100 -3.65 14.67 -11.18
C THR B 100 -4.77 13.71 -10.84
N GLU B 101 -4.74 12.52 -11.42
CA GLU B 101 -5.79 11.56 -11.24
C GLU B 101 -5.22 10.28 -10.63
N VAL B 102 -6.09 9.54 -9.95
CA VAL B 102 -5.78 8.19 -9.50
C VAL B 102 -6.36 7.24 -10.53
N VAL B 103 -5.48 6.60 -11.28
CA VAL B 103 -5.83 5.82 -12.45
C VAL B 103 -5.63 4.35 -12.12
N VAL B 104 -6.64 3.53 -12.42
CA VAL B 104 -6.57 2.12 -12.07
C VAL B 104 -6.06 1.39 -13.30
N ASN B 105 -4.82 0.95 -13.17
CA ASN B 105 -3.97 0.33 -14.19
C ASN B 105 -4.03 -1.19 -14.13
N VAL B 106 -3.09 -1.81 -14.86
CA VAL B 106 -2.99 -3.27 -14.92
C VAL B 106 -2.97 -3.88 -13.52
N GLY B 107 -1.98 -3.50 -12.72
CA GLY B 107 -1.80 -3.95 -11.35
C GLY B 107 -2.77 -3.39 -10.32
N GLY B 108 -3.74 -2.57 -10.74
CA GLY B 108 -4.70 -2.02 -9.81
C GLY B 108 -6.03 -2.75 -9.82
N THR B 109 -6.85 -2.41 -8.84
CA THR B 109 -8.18 -2.99 -8.70
C THR B 109 -9.14 -1.95 -8.16
N MET B 110 -10.41 -2.29 -8.23
CA MET B 110 -11.48 -1.54 -7.60
C MET B 110 -12.41 -2.59 -7.01
N GLN B 111 -12.77 -2.43 -5.74
CA GLN B 111 -13.63 -3.41 -5.11
C GLN B 111 -14.77 -2.70 -4.39
N MET B 112 -16.00 -3.14 -4.66
CA MET B 112 -17.17 -2.62 -3.98
C MET B 112 -17.21 -3.16 -2.55
N LEU B 113 -17.38 -2.27 -1.58
CA LEU B 113 -17.37 -2.66 -0.18
C LEU B 113 -18.76 -2.75 0.43
N GLY B 114 -19.79 -2.27 -0.26
CA GLY B 114 -21.14 -2.36 0.27
C GLY B 114 -21.40 -1.23 1.25
N GLY B 115 -22.64 -0.78 1.36
CA GLY B 115 -22.91 0.39 2.16
C GLY B 115 -22.77 1.68 1.37
N ARG B 116 -23.47 2.70 1.84
CA ARG B 116 -23.57 3.97 1.09
C ARG B 116 -23.89 5.13 2.03
N GLN B 117 -23.30 6.31 1.80
CA GLN B 117 -23.57 7.53 2.62
C GLN B 117 -24.98 8.07 2.33
N GLY B 118 -25.50 8.92 3.22
CA GLY B 118 -26.84 9.49 3.01
C GLY B 118 -26.85 10.98 2.69
N GLY B 119 -27.33 11.81 3.62
CA GLY B 119 -27.40 13.27 3.40
C GLY B 119 -27.46 14.03 4.70
N SER C 3 -10.01 -11.29 -4.56
CA SER C 3 -11.21 -10.88 -5.29
C SER C 3 -12.34 -10.57 -4.32
N ARG C 4 -12.25 -11.14 -3.12
CA ARG C 4 -13.16 -10.83 -2.02
C ARG C 4 -12.27 -10.39 -0.87
N GLY C 5 -12.25 -9.10 -0.59
CA GLY C 5 -11.30 -8.56 0.35
C GLY C 5 -9.97 -8.25 -0.31
N VAL C 6 -9.05 -7.74 0.49
CA VAL C 6 -7.74 -7.31 0.01
C VAL C 6 -6.67 -7.92 0.90
N ASN C 7 -5.63 -8.48 0.26
CA ASN C 7 -4.55 -9.23 0.92
C ASN C 7 -3.25 -8.74 0.31
N LYS C 8 -2.61 -7.75 0.93
CA LYS C 8 -1.48 -7.09 0.30
C LYS C 8 -0.35 -6.87 1.28
N VAL C 9 0.84 -7.29 0.88
CA VAL C 9 2.05 -7.11 1.66
C VAL C 9 3.01 -6.28 0.82
N ILE C 10 3.63 -5.29 1.44
CA ILE C 10 4.66 -4.48 0.81
C ILE C 10 5.87 -4.52 1.70
N LEU C 11 7.00 -4.93 1.14
CA LEU C 11 8.26 -5.03 1.86
C LEU C 11 9.38 -4.34 1.10
N VAL C 12 10.30 -3.73 1.85
CA VAL C 12 11.61 -3.33 1.36
C VAL C 12 12.63 -3.90 2.31
N GLY C 13 13.60 -4.65 1.80
CA GLY C 13 14.58 -5.22 2.69
C GLY C 13 15.67 -5.92 1.94
N ASN C 14 16.47 -6.68 2.67
CA ASN C 14 17.67 -7.31 2.12
C ASN C 14 17.59 -8.82 2.21
N LEU C 15 17.99 -9.49 1.14
CA LEU C 15 17.96 -10.95 1.10
C LEU C 15 18.90 -11.52 2.16
N GLY C 16 18.41 -12.53 2.88
CA GLY C 16 19.26 -13.17 3.88
C GLY C 16 20.18 -14.24 3.33
N GLN C 17 20.00 -14.63 2.07
CA GLN C 17 20.83 -15.63 1.42
C GLN C 17 20.58 -15.49 -0.08
N ASP C 18 21.32 -16.25 -0.89
CA ASP C 18 21.05 -16.22 -2.32
C ASP C 18 19.68 -16.87 -2.60
N PRO C 19 18.99 -16.41 -3.64
CA PRO C 19 17.70 -17.00 -4.00
C PRO C 19 17.83 -18.46 -4.40
N GLU C 20 16.93 -19.29 -3.88
CA GLU C 20 16.72 -20.66 -4.33
C GLU C 20 15.75 -20.61 -5.51
N VAL C 21 16.16 -21.09 -6.69
CA VAL C 21 15.33 -21.12 -7.90
C VAL C 21 15.21 -22.58 -8.35
N ARG C 22 13.99 -23.06 -8.50
CA ARG C 22 13.76 -24.42 -9.03
C ARG C 22 12.82 -24.31 -10.22
N TYR C 23 13.05 -25.12 -11.24
CA TYR C 23 12.07 -25.14 -12.32
C TYR C 23 11.15 -26.36 -12.18
N MET C 24 9.84 -26.12 -12.29
CA MET C 24 8.81 -27.16 -12.18
C MET C 24 8.72 -28.13 -13.38
N GLY C 27 6.99 -26.34 -16.09
CA GLY C 27 8.06 -25.49 -16.60
C GLY C 27 8.24 -24.14 -15.93
N GLY C 28 7.23 -23.70 -15.17
CA GLY C 28 7.33 -22.41 -14.50
C GLY C 28 8.36 -22.44 -13.37
N ALA C 29 9.13 -21.37 -13.27
CA ALA C 29 10.13 -21.22 -12.22
C ALA C 29 9.48 -20.82 -10.90
N VAL C 30 10.12 -21.23 -9.80
CA VAL C 30 9.71 -20.84 -8.45
C VAL C 30 10.98 -20.48 -7.68
N ALA C 31 11.02 -19.27 -7.13
CA ALA C 31 12.15 -18.82 -6.36
C ALA C 31 11.72 -18.52 -4.93
N ASN C 32 12.65 -18.73 -3.98
CA ASN C 32 12.39 -18.35 -2.60
C ASN C 32 13.66 -17.79 -1.97
N PHE C 33 13.46 -16.88 -1.01
CA PHE C 33 14.53 -16.30 -0.21
C PHE C 33 13.89 -15.63 1.00
N THR C 34 14.73 -15.28 1.97
CA THR C 34 14.28 -14.56 3.14
C THR C 34 14.66 -13.09 3.04
N LEU C 35 13.83 -12.24 3.65
CA LEU C 35 14.01 -10.80 3.60
C LEU C 35 14.04 -10.27 5.01
N ALA C 36 15.04 -9.46 5.30
CA ALA C 36 15.15 -8.82 6.60
C ALA C 36 14.61 -7.41 6.51
N THR C 37 13.73 -7.07 7.44
CA THR C 37 13.36 -5.68 7.72
C THR C 37 13.60 -5.41 9.19
N SER C 38 13.97 -4.16 9.52
CA SER C 38 14.22 -3.84 10.91
C SER C 38 13.63 -2.48 11.29
N GLU C 39 13.27 -2.39 12.56
CA GLU C 39 12.86 -1.16 13.21
C GLU C 39 13.86 -0.85 14.30
N SER C 40 14.17 0.43 14.50
CA SER C 40 15.10 0.80 15.59
C SER C 40 14.41 1.80 16.52
N TRP C 41 14.37 1.48 17.81
CA TRP C 41 13.74 2.38 18.80
C TRP C 41 14.76 2.74 19.88
N ARG C 42 14.48 3.78 20.67
CA ARG C 42 15.45 4.16 21.73
C ARG C 42 14.85 3.85 23.09
N ASP C 43 15.64 3.16 23.92
CA ASP C 43 15.27 2.68 25.27
C ASP C 43 14.93 3.84 26.20
N LYS C 44 13.99 3.63 27.14
CA LYS C 44 13.57 4.62 28.16
C LYS C 44 14.20 4.31 29.53
N GLY C 47 18.98 5.12 28.04
CA GLY C 47 18.19 5.15 26.81
C GLY C 47 19.03 4.88 25.57
N GLU C 48 19.00 3.69 25.03
CA GLU C 48 19.93 3.22 24.03
C GLU C 48 19.23 2.85 22.71
N MET C 49 19.95 3.11 21.59
CA MET C 49 19.48 2.71 20.30
C MET C 49 19.43 1.19 20.16
N LYS C 50 18.22 0.65 20.22
CA LYS C 50 17.97 -0.77 20.13
C LYS C 50 17.38 -1.07 18.75
N GLU C 51 17.29 -2.35 18.42
CA GLU C 51 17.01 -2.74 17.04
C GLU C 51 16.45 -4.15 17.00
N GLN C 52 15.40 -4.36 16.21
CA GLN C 52 14.86 -5.70 16.00
C GLN C 52 14.59 -5.93 14.53
N THR C 53 15.08 -7.07 14.05
CA THR C 53 14.96 -7.49 12.67
C THR C 53 13.83 -8.50 12.57
N GLU C 54 13.04 -8.39 11.50
CA GLU C 54 12.00 -9.35 11.20
C GLU C 54 12.39 -10.06 9.91
N TRP C 55 12.22 -11.38 9.89
CA TRP C 55 12.57 -12.20 8.74
C TRP C 55 11.30 -12.66 8.05
N HIS C 56 11.20 -12.38 6.75
CA HIS C 56 10.04 -12.73 5.94
C HIS C 56 10.42 -13.80 4.93
N ARG C 57 9.55 -14.77 4.74
CA ARG C 57 9.75 -15.80 3.72
C ARG C 57 9.01 -15.37 2.46
N VAL C 58 9.76 -15.14 1.40
CA VAL C 58 9.22 -14.68 0.10
C VAL C 58 9.26 -15.81 -0.93
N VAL C 59 8.21 -15.95 -1.73
CA VAL C 59 8.18 -16.92 -2.82
C VAL C 59 7.73 -16.22 -4.09
N LEU C 60 8.44 -16.45 -5.20
CA LEU C 60 8.17 -15.85 -6.49
C LEU C 60 7.87 -16.92 -7.54
N PHE C 61 7.04 -16.58 -8.52
CA PHE C 61 6.61 -17.48 -9.60
C PHE C 61 6.83 -16.81 -10.95
N GLY C 62 7.13 -17.63 -11.96
CA GLY C 62 7.28 -17.17 -13.35
C GLY C 62 8.46 -16.26 -13.60
N LYS C 63 8.26 -15.23 -14.41
CA LYS C 63 9.35 -14.30 -14.77
C LYS C 63 10.07 -13.75 -13.54
N LEU C 64 9.32 -13.31 -12.53
CA LEU C 64 9.94 -12.69 -11.33
C LEU C 64 10.91 -13.67 -10.67
N ALA C 65 10.51 -14.93 -10.51
CA ALA C 65 11.40 -15.96 -10.00
C ALA C 65 12.68 -16.08 -10.85
N GLU C 66 12.53 -16.10 -12.17
CA GLU C 66 13.70 -16.19 -13.04
C GLU C 66 14.59 -14.95 -12.90
N VAL C 67 13.98 -13.75 -12.88
CA VAL C 67 14.75 -12.54 -12.65
C VAL C 67 15.51 -12.62 -11.33
N ALA C 68 14.85 -13.11 -10.27
CA ALA C 68 15.50 -13.24 -8.96
C ALA C 68 16.73 -14.14 -9.03
N GLY C 69 16.62 -15.26 -9.75
CA GLY C 69 17.76 -16.17 -9.84
C GLY C 69 18.94 -15.55 -10.55
N GLU C 70 18.68 -14.79 -11.61
CA GLU C 70 19.74 -14.10 -12.35
C GLU C 70 20.46 -13.07 -11.48
N TYR C 71 19.71 -12.12 -10.92
CA TYR C 71 20.31 -10.89 -10.45
C TYR C 71 20.37 -10.74 -8.93
N LEU C 72 19.59 -11.51 -8.18
CA LEU C 72 19.55 -11.30 -6.74
C LEU C 72 20.59 -12.19 -6.07
N ARG C 73 21.21 -11.63 -5.05
CA ARG C 73 22.20 -12.38 -4.28
C ARG C 73 21.97 -12.08 -2.81
N LYS C 74 22.69 -12.77 -1.93
CA LYS C 74 22.61 -12.45 -0.51
C LYS C 74 22.95 -10.97 -0.31
N GLY C 75 22.12 -10.29 0.49
CA GLY C 75 22.32 -8.88 0.77
C GLY C 75 21.68 -7.89 -0.19
N SER C 76 21.18 -8.34 -1.33
CA SER C 76 20.51 -7.45 -2.28
C SER C 76 19.29 -6.77 -1.64
N GLN C 77 19.13 -5.48 -1.93
CA GLN C 77 17.98 -4.72 -1.45
C GLN C 77 16.88 -4.75 -2.49
N VAL C 78 15.68 -5.20 -2.09
CA VAL C 78 14.59 -5.31 -3.05
C VAL C 78 13.32 -4.69 -2.47
N TYR C 79 12.41 -4.36 -3.36
CA TYR C 79 11.05 -3.99 -3.04
C TYR C 79 10.15 -5.15 -3.47
N ILE C 80 9.25 -5.56 -2.58
CA ILE C 80 8.36 -6.69 -2.81
C ILE C 80 6.95 -6.21 -2.58
N GLU C 81 6.05 -6.57 -3.48
CA GLU C 81 4.62 -6.42 -3.25
C GLU C 81 3.97 -7.76 -3.52
N GLY C 82 3.30 -8.32 -2.51
CA GLY C 82 2.72 -9.65 -2.64
C GLY C 82 1.52 -9.87 -1.76
N GLN C 83 1.22 -11.14 -1.45
CA GLN C 83 0.09 -11.45 -0.58
C GLN C 83 0.49 -12.54 0.41
N LEU C 84 -0.23 -12.59 1.53
CA LEU C 84 0.04 -13.58 2.58
C LEU C 84 -0.59 -14.93 2.25
N ARG C 85 0.19 -16.00 2.46
CA ARG C 85 -0.35 -17.35 2.37
C ARG C 85 0.23 -18.21 3.48
N THR C 86 -0.65 -18.83 4.27
CA THR C 86 -0.22 -19.77 5.30
C THR C 86 -0.48 -21.19 4.80
N ARG C 87 0.56 -22.01 4.75
CA ARG C 87 0.41 -23.37 4.28
C ARG C 87 0.79 -24.36 5.37
N LYS C 88 0.09 -25.49 5.35
CA LYS C 88 0.20 -26.56 6.33
C LYS C 88 1.09 -27.67 5.80
N TRP C 89 1.94 -28.23 6.65
CA TRP C 89 2.70 -29.42 6.29
C TRP C 89 2.96 -30.26 7.54
N THR C 90 3.04 -31.57 7.36
CA THR C 90 3.40 -32.46 8.45
C THR C 90 4.87 -32.80 8.29
N ASP C 91 5.63 -32.69 9.37
CA ASP C 91 7.06 -32.95 9.24
C ASP C 91 7.31 -34.43 9.56
N GLN C 92 8.53 -34.88 9.28
CA GLN C 92 8.72 -36.34 9.42
C GLN C 92 8.57 -36.85 10.83
N SER C 93 8.35 -36.00 11.83
CA SER C 93 8.01 -36.50 13.15
C SER C 93 6.51 -36.59 13.38
N GLY C 94 5.70 -36.34 12.35
CA GLY C 94 4.26 -36.36 12.52
C GLY C 94 3.64 -35.07 13.01
N GLN C 95 4.46 -34.06 13.33
CA GLN C 95 3.93 -32.79 13.85
C GLN C 95 3.39 -31.93 12.72
N ASP C 96 2.14 -31.50 12.84
CA ASP C 96 1.60 -30.54 11.90
C ASP C 96 2.22 -29.16 12.11
N LYS C 97 2.77 -28.59 11.03
CA LYS C 97 3.44 -27.29 11.05
C LYS C 97 2.79 -26.34 10.05
N TYR C 98 2.88 -25.05 10.34
CA TYR C 98 2.31 -23.98 9.51
C TYR C 98 3.37 -22.95 9.18
N THR C 99 3.36 -22.47 7.95
CA THR C 99 4.30 -21.45 7.53
C THR C 99 3.56 -20.33 6.81
N THR C 100 3.79 -19.08 7.23
CA THR C 100 3.24 -17.93 6.53
C THR C 100 4.32 -17.31 5.65
N GLU C 101 4.04 -17.24 4.35
CA GLU C 101 4.98 -16.72 3.38
C GLU C 101 4.36 -15.53 2.66
N VAL C 102 5.22 -14.69 2.12
CA VAL C 102 4.81 -13.60 1.22
C VAL C 102 4.96 -14.10 -0.20
N VAL C 103 3.83 -14.24 -0.89
CA VAL C 103 3.77 -14.84 -2.21
C VAL C 103 3.54 -13.74 -3.23
N VAL C 104 4.40 -13.75 -4.24
CA VAL C 104 4.32 -12.79 -5.37
C VAL C 104 3.86 -13.55 -6.61
N ASN C 105 2.61 -13.37 -6.99
CA ASN C 105 2.07 -13.99 -8.19
C ASN C 105 1.98 -12.92 -9.32
N VAL C 106 0.86 -12.80 -10.04
CA VAL C 106 0.81 -11.90 -11.20
C VAL C 106 0.62 -10.45 -10.77
N GLY C 107 -0.40 -10.18 -9.94
CA GLY C 107 -0.63 -8.83 -9.49
C GLY C 107 0.42 -8.26 -8.58
N GLY C 108 1.46 -9.04 -8.24
CA GLY C 108 2.54 -8.58 -7.41
C GLY C 108 3.75 -8.15 -8.24
N THR C 109 4.71 -7.55 -7.57
CA THR C 109 5.95 -7.15 -8.25
C THR C 109 7.13 -7.38 -7.32
N MET C 110 8.29 -7.40 -7.93
CA MET C 110 9.55 -7.41 -7.23
C MET C 110 10.46 -6.46 -7.99
N GLN C 111 11.09 -5.54 -7.27
CA GLN C 111 11.98 -4.59 -7.90
C GLN C 111 13.28 -4.53 -7.13
N MET C 112 14.39 -4.71 -7.85
CA MET C 112 15.72 -4.56 -7.29
C MET C 112 16.08 -3.10 -7.14
N LEU C 113 16.58 -2.73 -5.97
CA LEU C 113 17.01 -1.39 -5.69
C LEU C 113 18.54 -1.35 -5.62
N SER D 3 15.30 3.33 11.10
CA SER D 3 14.65 2.04 10.75
C SER D 3 15.04 1.64 9.32
N ARG D 4 15.42 0.39 9.11
CA ARG D 4 15.84 -0.06 7.76
C ARG D 4 14.78 -0.97 7.16
N GLY D 5 14.29 -0.58 6.00
CA GLY D 5 13.33 -1.31 5.20
C GLY D 5 11.90 -1.01 5.57
N VAL D 6 10.99 -1.66 4.85
CA VAL D 6 9.56 -1.44 4.98
C VAL D 6 8.87 -2.76 5.23
N ASN D 7 7.96 -2.79 6.20
CA ASN D 7 7.25 -4.00 6.61
C ASN D 7 5.79 -3.60 6.78
N LYS D 8 5.00 -3.76 5.72
CA LYS D 8 3.67 -3.18 5.69
C LYS D 8 2.63 -4.17 5.18
N VAL D 9 1.55 -4.34 5.92
CA VAL D 9 0.45 -5.21 5.51
C VAL D 9 -0.82 -4.37 5.41
N ILE D 10 -1.60 -4.59 4.35
CA ILE D 10 -2.88 -3.92 4.16
C ILE D 10 -3.93 -4.99 3.95
N LEU D 11 -4.93 -5.02 4.80
CA LEU D 11 -5.96 -6.05 4.70
C LEU D 11 -7.32 -5.39 4.67
N VAL D 12 -8.20 -5.96 3.86
CA VAL D 12 -9.63 -5.71 3.90
C VAL D 12 -10.31 -7.07 3.94
N GLY D 13 -11.16 -7.27 4.94
CA GLY D 13 -11.88 -8.52 5.01
C GLY D 13 -12.83 -8.54 6.18
N ASN D 14 -13.33 -9.74 6.48
CA ASN D 14 -14.38 -9.94 7.46
C ASN D 14 -13.86 -10.79 8.61
N LEU D 15 -14.22 -10.38 9.83
CA LEU D 15 -13.81 -11.13 11.01
C LEU D 15 -14.44 -12.53 10.99
N GLY D 16 -13.62 -13.55 11.27
CA GLY D 16 -14.14 -14.91 11.32
C GLY D 16 -14.78 -15.29 12.62
N GLN D 17 -14.63 -14.45 13.65
CA GLN D 17 -15.22 -14.64 14.97
C GLN D 17 -15.28 -13.27 15.64
N ASP D 18 -15.92 -13.23 16.80
CA ASP D 18 -15.99 -11.97 17.58
C ASP D 18 -14.58 -11.64 18.07
N PRO D 19 -14.22 -10.36 18.19
CA PRO D 19 -12.91 -10.01 18.67
C PRO D 19 -12.78 -10.39 20.15
N GLU D 20 -11.66 -11.01 20.48
CA GLU D 20 -11.34 -11.34 21.88
C GLU D 20 -10.46 -10.20 22.40
N VAL D 21 -10.93 -9.52 23.44
CA VAL D 21 -10.18 -8.39 24.06
C VAL D 21 -9.75 -8.78 25.46
N ARG D 22 -8.48 -8.61 25.77
CA ARG D 22 -8.03 -8.85 27.15
C ARG D 22 -7.31 -7.61 27.63
N TYR D 23 -7.37 -7.34 28.93
CA TYR D 23 -6.67 -6.17 29.49
C TYR D 23 -5.38 -6.62 30.15
N MET D 24 -4.32 -5.88 29.87
CA MET D 24 -3.01 -6.16 30.47
C MET D 24 -3.02 -5.61 31.89
N PRO D 25 -2.25 -6.20 32.82
CA PRO D 25 -2.12 -5.64 34.17
C PRO D 25 -1.88 -4.12 34.17
N SER D 26 -1.09 -3.61 33.22
CA SER D 26 -0.83 -2.16 33.10
C SER D 26 -2.11 -1.39 32.71
N GLY D 27 -3.05 -2.04 32.04
CA GLY D 27 -4.30 -1.38 31.61
C GLY D 27 -4.37 -1.28 30.11
N GLY D 28 -3.31 -1.69 29.41
CA GLY D 28 -3.28 -1.66 27.94
C GLY D 28 -4.18 -2.73 27.34
N ALA D 29 -5.09 -2.34 26.46
CA ALA D 29 -5.98 -3.31 25.82
C ALA D 29 -5.24 -4.07 24.73
N VAL D 30 -5.63 -5.33 24.52
CA VAL D 30 -5.13 -6.13 23.41
C VAL D 30 -6.31 -6.88 22.78
N ALA D 31 -6.46 -6.75 21.47
CA ALA D 31 -7.49 -7.49 20.74
C ALA D 31 -6.89 -8.43 19.70
N ASN D 32 -7.54 -9.57 19.52
CA ASN D 32 -7.18 -10.54 18.50
C ASN D 32 -8.44 -10.97 17.76
N PHE D 33 -8.29 -11.23 16.48
CA PHE D 33 -9.36 -11.82 15.67
C PHE D 33 -8.74 -12.27 14.37
N THR D 34 -9.48 -13.09 13.63
CA THR D 34 -9.03 -13.55 12.33
C THR D 34 -9.81 -12.83 11.23
N LEU D 35 -9.14 -12.62 10.11
CA LEU D 35 -9.69 -11.88 9.00
C LEU D 35 -9.59 -12.78 7.79
N ALA D 36 -10.69 -12.93 7.06
CA ALA D 36 -10.72 -13.75 5.86
C ALA D 36 -10.56 -12.88 4.62
N THR D 37 -9.69 -13.29 3.71
CA THR D 37 -9.66 -12.80 2.34
C THR D 37 -9.73 -14.01 1.42
N SER D 38 -10.32 -13.84 0.24
CA SER D 38 -10.46 -14.96 -0.68
C SER D 38 -10.16 -14.57 -2.12
N GLU D 39 -9.86 -15.59 -2.91
CA GLU D 39 -9.58 -15.47 -4.34
C GLU D 39 -10.37 -16.57 -5.03
N SER D 40 -11.12 -16.23 -6.06
CA SER D 40 -11.88 -17.25 -6.81
C SER D 40 -11.40 -17.19 -8.26
N TRP D 41 -11.16 -18.34 -8.87
CA TRP D 41 -10.68 -18.36 -10.28
C TRP D 41 -11.22 -19.61 -10.97
N ARG D 42 -11.24 -19.62 -12.31
CA ARG D 42 -11.72 -20.79 -13.08
C ARG D 42 -10.51 -21.64 -13.50
N ASP D 43 -10.58 -22.94 -13.22
CA ASP D 43 -9.51 -23.89 -13.59
C ASP D 43 -9.33 -23.87 -15.11
N LYS D 50 -12.94 -22.08 -8.90
CA LYS D 50 -12.17 -22.41 -7.69
C LYS D 50 -12.13 -21.24 -6.73
N GLU D 51 -12.22 -21.51 -5.43
CA GLU D 51 -12.19 -20.46 -4.42
C GLU D 51 -11.23 -20.88 -3.31
N GLN D 52 -10.39 -19.94 -2.86
CA GLN D 52 -9.44 -20.19 -1.79
C GLN D 52 -9.47 -19.03 -0.79
N THR D 53 -9.69 -19.36 0.48
CA THR D 53 -9.77 -18.37 1.54
C THR D 53 -8.48 -18.36 2.33
N GLU D 54 -8.02 -17.17 2.69
CA GLU D 54 -6.85 -17.02 3.55
C GLU D 54 -7.30 -16.42 4.88
N TRP D 55 -6.81 -16.98 5.98
CA TRP D 55 -7.16 -16.53 7.32
C TRP D 55 -5.96 -15.82 7.93
N HIS D 56 -6.15 -14.57 8.34
CA HIS D 56 -5.08 -13.73 8.88
C HIS D 56 -5.30 -13.53 10.37
N ARG D 57 -4.23 -13.66 11.12
CA ARG D 57 -4.26 -13.38 12.57
C ARG D 57 -3.92 -11.91 12.79
N VAL D 58 -4.88 -11.13 13.24
CA VAL D 58 -4.69 -9.70 13.46
C VAL D 58 -4.55 -9.45 14.95
N VAL D 59 -3.64 -8.56 15.33
CA VAL D 59 -3.44 -8.18 16.72
C VAL D 59 -3.50 -6.66 16.81
N LEU D 60 -4.34 -6.14 17.71
CA LEU D 60 -4.51 -4.71 17.95
C LEU D 60 -4.17 -4.39 19.40
N PHE D 61 -3.65 -3.17 19.62
CA PHE D 61 -3.24 -2.70 20.95
C PHE D 61 -3.89 -1.36 21.25
N GLY D 62 -4.07 -1.09 22.54
CA GLY D 62 -4.49 0.24 22.96
C GLY D 62 -5.91 0.60 22.56
N LYS D 63 -6.09 1.86 22.20
CA LYS D 63 -7.42 2.41 21.84
C LYS D 63 -8.05 1.64 20.70
N LEU D 64 -7.29 1.32 19.65
CA LEU D 64 -7.84 0.54 18.55
C LEU D 64 -8.36 -0.81 19.04
N ALA D 65 -7.64 -1.47 19.95
CA ALA D 65 -8.12 -2.71 20.54
C ALA D 65 -9.45 -2.50 21.26
N GLU D 66 -9.55 -1.40 22.01
CA GLU D 66 -10.80 -1.07 22.67
C GLU D 66 -11.92 -0.83 21.67
N VAL D 67 -11.62 -0.09 20.59
CA VAL D 67 -12.62 0.12 19.55
C VAL D 67 -13.13 -1.20 19.00
N ALA D 68 -12.20 -2.14 18.73
CA ALA D 68 -12.60 -3.45 18.23
C ALA D 68 -13.55 -4.15 19.21
N GLY D 69 -13.25 -4.08 20.50
CA GLY D 69 -14.10 -4.76 21.47
C GLY D 69 -15.50 -4.16 21.53
N GLU D 70 -15.60 -2.84 21.46
CA GLU D 70 -16.90 -2.19 21.50
C GLU D 70 -17.74 -2.54 20.27
N TYR D 71 -17.14 -2.41 19.07
CA TYR D 71 -17.93 -2.31 17.85
C TYR D 71 -17.83 -3.48 16.89
N LEU D 72 -16.84 -4.36 17.02
CA LEU D 72 -16.61 -5.39 16.01
C LEU D 72 -17.28 -6.70 16.40
N ARG D 73 -17.81 -7.39 15.41
CA ARG D 73 -18.42 -8.71 15.66
C ARG D 73 -17.96 -9.64 14.54
N LYS D 74 -18.24 -10.94 14.66
CA LYS D 74 -18.04 -11.87 13.57
C LYS D 74 -18.76 -11.36 12.33
N GLY D 75 -18.06 -11.39 11.19
CA GLY D 75 -18.59 -10.89 9.94
C GLY D 75 -18.37 -9.42 9.68
N SER D 76 -17.94 -8.65 10.69
CA SER D 76 -17.64 -7.24 10.47
C SER D 76 -16.56 -7.08 9.40
N GLN D 77 -16.75 -6.08 8.53
CA GLN D 77 -15.78 -5.75 7.50
C GLN D 77 -14.87 -4.64 8.01
N VAL D 78 -13.56 -4.87 8.01
CA VAL D 78 -12.61 -3.87 8.47
C VAL D 78 -11.47 -3.71 7.47
N TYR D 79 -10.81 -2.56 7.59
CA TYR D 79 -9.56 -2.27 6.90
C TYR D 79 -8.44 -2.30 7.92
N ILE D 80 -7.34 -2.99 7.60
CA ILE D 80 -6.20 -3.13 8.51
C ILE D 80 -4.92 -2.69 7.81
N GLU D 81 -4.13 -1.89 8.52
CA GLU D 81 -2.78 -1.56 8.14
C GLU D 81 -1.87 -1.92 9.29
N GLY D 82 -0.99 -2.88 9.08
CA GLY D 82 -0.09 -3.30 10.16
C GLY D 82 1.24 -3.81 9.64
N GLN D 83 1.91 -4.59 10.47
CA GLN D 83 3.22 -5.19 10.13
C GLN D 83 3.20 -6.68 10.42
N LEU D 84 4.08 -7.39 9.73
CA LEU D 84 4.25 -8.84 9.90
C LEU D 84 5.17 -9.12 11.08
N ARG D 85 4.72 -9.95 12.00
CA ARG D 85 5.59 -10.40 13.07
C ARG D 85 5.42 -11.90 13.29
N THR D 86 6.53 -12.61 13.28
CA THR D 86 6.55 -14.04 13.59
C THR D 86 7.09 -14.20 14.99
N ARG D 87 6.31 -14.85 15.87
CA ARG D 87 6.72 -15.06 17.25
C ARG D 87 6.79 -16.54 17.57
N LYS D 88 7.76 -16.91 18.42
CA LYS D 88 8.02 -18.29 18.79
C LYS D 88 7.34 -18.58 20.12
N TRP D 89 6.68 -19.72 20.20
CA TRP D 89 6.07 -20.15 21.47
C TRP D 89 6.12 -21.67 21.55
N THR D 90 6.12 -22.23 22.74
CA THR D 90 6.11 -23.70 22.87
C THR D 90 4.84 -24.11 23.61
N ASP D 91 4.40 -25.34 23.40
CA ASP D 91 3.21 -25.81 24.15
C ASP D 91 3.50 -27.18 24.78
N GLN D 92 2.44 -27.97 25.01
CA GLN D 92 2.49 -29.33 25.61
C GLN D 92 3.67 -30.11 24.99
N GLN D 95 6.13 -28.57 21.97
CA GLN D 95 7.21 -28.34 21.02
C GLN D 95 7.27 -26.86 20.58
N ASP D 96 8.20 -26.56 19.68
CA ASP D 96 8.33 -25.21 19.15
C ASP D 96 7.22 -24.91 18.15
N LYS D 97 6.49 -23.83 18.38
CA LYS D 97 5.48 -23.39 17.44
C LYS D 97 5.78 -21.94 17.06
N TYR D 98 5.47 -21.60 15.81
CA TYR D 98 5.67 -20.26 15.29
C TYR D 98 4.36 -19.78 14.72
N THR D 99 4.07 -18.51 14.97
CA THR D 99 2.86 -17.87 14.47
C THR D 99 3.25 -16.53 13.85
N THR D 100 2.80 -16.31 12.62
CA THR D 100 2.98 -15.02 11.94
C THR D 100 1.68 -14.23 12.05
N GLU D 101 1.76 -13.04 12.63
CA GLU D 101 0.61 -12.20 12.88
C GLU D 101 0.75 -10.88 12.16
N VAL D 102 -0.40 -10.27 11.90
CA VAL D 102 -0.50 -8.91 11.41
C VAL D 102 -0.77 -8.02 12.61
N VAL D 103 0.23 -7.23 12.98
CA VAL D 103 0.21 -6.45 14.22
C VAL D 103 0.04 -4.99 13.87
N VAL D 104 -0.91 -4.35 14.52
CA VAL D 104 -1.20 -2.91 14.32
C VAL D 104 -0.54 -2.10 15.41
N ASN D 105 0.58 -1.48 15.08
CA ASN D 105 1.30 -0.61 16.05
C ASN D 105 1.13 0.84 15.60
N GLY D 107 1.75 3.57 13.98
CA GLY D 107 1.86 3.65 12.51
C GLY D 107 0.78 2.87 11.81
N GLY D 108 0.07 2.02 12.52
CA GLY D 108 -0.99 1.23 11.85
C GLY D 108 -2.37 1.79 12.11
N THR D 109 -3.37 1.30 11.39
CA THR D 109 -4.72 1.77 11.67
C THR D 109 -5.69 0.61 11.53
N MET D 110 -6.85 0.83 12.07
CA MET D 110 -7.99 -0.04 11.90
C MET D 110 -9.19 0.85 11.62
N GLN D 111 -9.92 0.54 10.57
CA GLN D 111 -11.12 1.28 10.26
C GLN D 111 -12.23 0.30 9.96
N MET D 112 -13.34 0.46 10.67
CA MET D 112 -14.53 -0.34 10.42
C MET D 112 -15.23 0.17 9.17
N LEU D 113 -15.54 -0.76 8.27
CA LEU D 113 -16.18 -0.48 6.99
C LEU D 113 -17.64 -0.95 6.95
N GLY D 114 -18.25 -1.18 8.11
CA GLY D 114 -19.49 -1.93 8.14
C GLY D 114 -19.25 -3.26 8.83
#